data_6DEE
#
_entry.id   6DEE
#
_cell.length_a   98.504
_cell.length_b   98.504
_cell.length_c   81.812
_cell.angle_alpha   90.00
_cell.angle_beta   90.00
_cell.angle_gamma   90.00
#
_symmetry.space_group_name_H-M   'P 41 21 2'
#
_entity_poly.entity_id   1
_entity_poly.type   'polypeptide(L)'
_entity_poly.pdbx_seq_one_letter_code
;SAAVPRTIGAELMELVRRNTGLSHELCRVAIGIIVGHIQASVPASSPVMEQVLLSLVEGKDLSMALPSGQVCHDQQRLEV
IFADLARRKDDAQQRSWALYEDEGVIRCYLEELLHILTDADPEVCKKMCKRNEFESVLALVAYYQMEHRASLRLLLLKCF
GAMCSLDAAIISTLVSSVLPVELARDMQTDTQDHQKLCYSALILAMVFSMGEAVPYAHYEHLGTPFAQFLLNIVEDGLPL
DTTEQLPDLCVNLLLALNLHLPAADQNVIMAALSKHANVKIFSEKLLLLLNRGDDPVRIFKHEPQPPHSVLKFLQDVFGS
PATAAIFYHTDMMALIDITVRHIADLSPGDKLRMEYLSLMHAIVRTTPYLQHRHRLPDLQAILRRILNEEETSPQCQMDR
MIVREMCKEFLVLGEAPS
;
_entity_poly.pdbx_strand_id   A
#
# COMPACT_ATOMS: atom_id res chain seq x y z
N VAL A 4 10.36 37.67 -22.13
CA VAL A 4 10.49 36.24 -21.87
C VAL A 4 9.23 35.50 -22.30
N PRO A 5 9.39 34.49 -23.15
CA PRO A 5 8.28 33.66 -23.60
C PRO A 5 7.57 33.00 -22.42
N ARG A 6 6.25 32.88 -22.53
CA ARG A 6 5.44 32.37 -21.43
C ARG A 6 5.64 30.87 -21.19
N THR A 7 6.26 30.19 -22.15
CA THR A 7 6.46 28.75 -22.05
C THR A 7 7.94 28.39 -22.06
N ILE A 8 8.78 29.27 -21.53
CA ILE A 8 10.22 29.04 -21.48
C ILE A 8 10.55 27.86 -20.58
N GLY A 9 9.81 27.73 -19.48
CA GLY A 9 10.02 26.68 -18.51
C GLY A 9 9.94 25.28 -19.10
N ALA A 10 8.77 24.92 -19.60
CA ALA A 10 8.54 23.59 -20.17
C ALA A 10 9.49 23.28 -21.32
N GLU A 11 9.80 24.32 -22.11
CA GLU A 11 10.72 24.17 -23.23
C GLU A 11 12.11 23.79 -22.73
N LEU A 12 12.62 24.54 -21.75
CA LEU A 12 13.92 24.25 -21.16
C LEU A 12 13.94 22.85 -20.54
N MET A 13 12.89 22.52 -19.80
CA MET A 13 12.74 21.20 -19.20
C MET A 13 12.86 20.10 -20.24
N GLU A 14 12.12 20.26 -21.34
CA GLU A 14 12.11 19.27 -22.41
C GLU A 14 13.47 19.14 -23.09
N LEU A 15 14.10 20.27 -23.35
CA LEU A 15 15.41 20.29 -24.01
C LEU A 15 16.47 19.59 -23.15
N VAL A 16 16.57 19.99 -21.89
CA VAL A 16 17.53 19.40 -20.97
C VAL A 16 17.24 17.91 -20.76
N ARG A 17 15.95 17.57 -20.68
CA ARG A 17 15.55 16.16 -20.57
C ARG A 17 16.06 15.34 -21.74
N ARG A 18 15.74 15.78 -22.96
CA ARG A 18 16.06 15.03 -24.15
C ARG A 18 17.56 14.98 -24.44
N ASN A 19 18.28 16.04 -24.12
CA ASN A 19 19.69 16.13 -24.50
C ASN A 19 20.68 15.77 -23.40
N THR A 20 20.21 15.68 -22.16
CA THR A 20 21.10 15.31 -21.06
C THR A 20 20.71 13.99 -20.43
N GLY A 21 19.47 13.55 -20.68
CA GLY A 21 18.98 12.31 -20.11
C GLY A 21 18.74 12.44 -18.62
N LEU A 22 18.75 13.68 -18.13
CA LEU A 22 18.54 13.97 -16.72
C LEU A 22 17.11 13.65 -16.33
N SER A 23 16.79 13.74 -15.04
CA SER A 23 15.43 13.48 -14.59
C SER A 23 14.65 14.79 -14.47
N HIS A 24 13.33 14.67 -14.36
CA HIS A 24 12.43 15.81 -14.23
C HIS A 24 12.86 16.76 -13.11
N GLU A 25 12.90 16.22 -11.90
CA GLU A 25 13.32 16.97 -10.72
C GLU A 25 14.71 17.57 -10.90
N LEU A 26 15.66 16.74 -11.35
CA LEU A 26 17.03 17.19 -11.53
C LEU A 26 17.15 18.21 -12.67
N CYS A 27 16.23 18.15 -13.63
CA CYS A 27 16.18 19.17 -14.67
C CYS A 27 15.76 20.50 -14.08
N ARG A 28 14.68 20.49 -13.29
CA ARG A 28 14.25 21.68 -12.58
C ARG A 28 15.38 22.26 -11.74
N VAL A 29 16.08 21.38 -11.03
CA VAL A 29 17.20 21.78 -10.19
C VAL A 29 18.31 22.43 -11.00
N ALA A 30 18.70 21.80 -12.10
CA ALA A 30 19.76 22.32 -12.96
C ALA A 30 19.42 23.70 -13.51
N ILE A 31 18.20 23.84 -14.02
CA ILE A 31 17.73 25.12 -14.53
C ILE A 31 17.77 26.19 -13.43
N GLY A 32 17.27 25.84 -12.26
CA GLY A 32 17.28 26.74 -11.12
C GLY A 32 18.68 27.17 -10.74
N ILE A 33 19.63 26.24 -10.83
CA ILE A 33 21.03 26.52 -10.50
C ILE A 33 21.64 27.49 -11.48
N ILE A 34 21.53 27.17 -12.77
CA ILE A 34 22.15 28.00 -13.80
C ILE A 34 21.53 29.39 -13.85
N VAL A 35 20.21 29.44 -14.02
CA VAL A 35 19.49 30.71 -14.07
C VAL A 35 19.70 31.51 -12.79
N GLY A 36 19.58 30.83 -11.65
CA GLY A 36 19.71 31.48 -10.35
C GLY A 36 21.09 32.08 -10.11
N HIS A 37 22.14 31.33 -10.45
CA HIS A 37 23.50 31.80 -10.25
C HIS A 37 23.84 32.91 -11.24
N ILE A 38 23.30 32.81 -12.45
CA ILE A 38 23.47 33.88 -13.43
C ILE A 38 22.84 35.16 -12.90
N GLN A 39 21.65 35.03 -12.32
CA GLN A 39 20.97 36.16 -11.71
C GLN A 39 21.76 36.74 -10.55
N ALA A 40 22.34 35.86 -9.73
CA ALA A 40 23.07 36.27 -8.55
C ALA A 40 24.37 37.01 -8.89
N SER A 41 25.24 36.35 -9.64
CA SER A 41 26.55 36.90 -9.98
C SER A 41 26.41 38.16 -10.84
N VAL A 42 25.71 38.05 -11.96
CA VAL A 42 25.50 39.18 -12.85
C VAL A 42 24.22 39.92 -12.48
N PRO A 43 24.36 40.99 -11.71
CA PRO A 43 23.22 41.82 -11.34
C PRO A 43 22.66 42.53 -12.58
N ALA A 44 21.49 43.12 -12.42
CA ALA A 44 20.77 43.77 -13.52
C ALA A 44 20.43 42.79 -14.66
N SER A 45 20.49 41.51 -14.34
CA SER A 45 20.05 40.47 -15.27
C SER A 45 18.85 39.76 -14.65
N SER A 46 18.50 40.19 -13.44
CA SER A 46 17.40 39.62 -12.68
C SER A 46 16.01 39.66 -13.32
N PRO A 47 15.66 40.75 -14.05
CA PRO A 47 14.30 40.78 -14.64
C PRO A 47 13.94 39.58 -15.51
N VAL A 48 14.89 39.12 -16.33
CA VAL A 48 14.64 37.98 -17.20
C VAL A 48 14.72 36.66 -16.43
N MET A 49 15.75 36.53 -15.60
CA MET A 49 15.99 35.30 -14.85
C MET A 49 14.86 34.96 -13.90
N GLU A 50 14.34 35.96 -13.20
CA GLU A 50 13.23 35.76 -12.27
C GLU A 50 11.97 35.33 -13.00
N GLN A 51 11.80 35.82 -14.23
CA GLN A 51 10.66 35.43 -15.05
C GLN A 51 10.80 34.00 -15.56
N VAL A 52 12.04 33.62 -15.89
CA VAL A 52 12.30 32.25 -16.31
C VAL A 52 12.04 31.29 -15.15
N LEU A 53 12.41 31.72 -13.94
CA LEU A 53 12.18 30.93 -12.75
C LEU A 53 10.69 30.85 -12.40
N LEU A 54 9.97 31.93 -12.68
CA LEU A 54 8.54 31.96 -12.43
C LEU A 54 7.79 31.11 -13.45
N SER A 55 8.38 30.95 -14.63
CA SER A 55 7.80 30.13 -15.68
C SER A 55 7.91 28.65 -15.33
N LEU A 56 8.81 28.32 -14.43
CA LEU A 56 9.01 26.94 -14.00
C LEU A 56 7.88 26.44 -13.10
N VAL A 57 7.17 27.38 -12.47
CA VAL A 57 6.08 27.02 -11.57
C VAL A 57 4.73 27.45 -12.14
N VAL A 71 5.07 16.97 -29.25
CA VAL A 71 5.12 15.86 -28.31
C VAL A 71 6.50 15.73 -27.68
N CYS A 72 6.55 15.28 -26.43
CA CYS A 72 7.82 15.10 -25.72
C CYS A 72 8.42 13.72 -25.97
N HIS A 73 9.73 13.60 -25.75
CA HIS A 73 10.47 12.37 -26.00
C HIS A 73 9.90 11.21 -25.19
N ASP A 74 9.61 11.48 -23.92
CA ASP A 74 9.07 10.46 -23.01
C ASP A 74 7.71 9.95 -23.47
N GLN A 75 6.88 10.85 -24.00
CA GLN A 75 5.55 10.49 -24.46
C GLN A 75 5.61 9.53 -25.64
N GLN A 76 6.39 9.88 -26.66
CA GLN A 76 6.50 9.06 -27.85
C GLN A 76 7.26 7.76 -27.56
N ARG A 77 8.19 7.80 -26.61
CA ARG A 77 8.89 6.59 -26.20
C ARG A 77 7.92 5.64 -25.50
N LEU A 78 7.03 6.20 -24.68
CA LEU A 78 5.98 5.41 -24.05
C LEU A 78 5.03 4.84 -25.09
N GLU A 79 4.75 5.63 -26.12
CA GLU A 79 3.92 5.17 -27.23
C GLU A 79 4.55 3.96 -27.91
N VAL A 80 5.83 4.08 -28.28
CA VAL A 80 6.55 3.02 -28.97
C VAL A 80 6.67 1.76 -28.11
N ILE A 81 7.04 1.93 -26.84
CA ILE A 81 7.20 0.79 -25.94
C ILE A 81 5.87 0.07 -25.70
N PHE A 82 4.84 0.83 -25.36
CA PHE A 82 3.53 0.26 -25.10
C PHE A 82 2.94 -0.40 -26.34
N ALA A 83 3.20 0.17 -27.51
CA ALA A 83 2.70 -0.39 -28.76
C ALA A 83 3.42 -1.68 -29.12
N ASP A 84 4.74 -1.69 -28.93
CA ASP A 84 5.55 -2.85 -29.29
C ASP A 84 5.33 -4.01 -28.33
N LEU A 85 5.16 -3.72 -27.05
CA LEU A 85 4.95 -4.77 -26.06
C LEU A 85 3.54 -5.33 -26.11
N ALA A 86 2.63 -4.61 -26.76
CA ALA A 86 1.26 -5.08 -26.91
C ALA A 86 1.10 -5.89 -28.17
N ARG A 87 2.17 -6.02 -28.94
CA ARG A 87 2.15 -6.78 -30.18
C ARG A 87 2.32 -8.26 -29.92
N SER A 96 1.78 -13.16 -27.66
CA SER A 96 2.53 -11.91 -27.62
C SER A 96 3.88 -12.04 -28.31
N TRP A 97 4.14 -11.17 -29.27
CA TRP A 97 5.37 -11.21 -30.06
C TRP A 97 6.61 -11.09 -29.19
N ALA A 98 6.48 -10.39 -28.06
CA ALA A 98 7.59 -10.17 -27.15
C ALA A 98 8.06 -11.49 -26.50
N LEU A 99 7.24 -12.53 -26.60
CA LEU A 99 7.63 -13.84 -26.09
C LEU A 99 8.59 -14.54 -27.04
N TYR A 100 8.64 -14.10 -28.29
CA TYR A 100 9.48 -14.74 -29.30
C TYR A 100 10.68 -13.88 -29.68
N GLU A 101 11.26 -13.22 -28.69
CA GLU A 101 12.43 -12.38 -28.93
C GLU A 101 13.54 -12.65 -27.91
N ASP A 102 14.70 -12.03 -28.11
CA ASP A 102 15.82 -12.20 -27.19
C ASP A 102 15.51 -11.53 -25.86
N GLU A 103 15.93 -12.19 -24.77
CA GLU A 103 15.64 -11.72 -23.42
C GLU A 103 16.27 -10.36 -23.14
N GLY A 104 17.42 -10.10 -23.74
CA GLY A 104 18.13 -8.85 -23.54
C GLY A 104 17.36 -7.67 -24.11
N VAL A 105 16.75 -7.88 -25.27
CA VAL A 105 15.96 -6.83 -25.94
C VAL A 105 14.81 -6.39 -25.05
N ILE A 106 13.99 -7.36 -24.63
CA ILE A 106 12.86 -7.10 -23.76
C ILE A 106 13.34 -6.50 -22.44
N ARG A 107 14.50 -6.94 -21.98
CA ARG A 107 15.10 -6.39 -20.77
C ARG A 107 15.34 -4.90 -20.94
N CYS A 108 15.87 -4.50 -22.08
CA CYS A 108 16.12 -3.09 -22.35
C CYS A 108 14.81 -2.32 -22.48
N TYR A 109 13.80 -2.96 -23.06
CA TYR A 109 12.47 -2.38 -23.16
C TYR A 109 11.90 -2.03 -21.79
N LEU A 110 11.89 -3.03 -20.90
CA LEU A 110 11.33 -2.85 -19.56
C LEU A 110 12.18 -1.93 -18.70
N GLU A 111 13.49 -1.95 -18.93
CA GLU A 111 14.39 -1.04 -18.23
C GLU A 111 14.09 0.40 -18.61
N GLU A 112 13.91 0.65 -19.90
CA GLU A 112 13.59 1.99 -20.36
C GLU A 112 12.21 2.42 -19.85
N LEU A 113 11.26 1.49 -19.87
CA LEU A 113 9.92 1.77 -19.35
C LEU A 113 9.98 2.18 -17.89
N LEU A 114 10.76 1.43 -17.11
CA LEU A 114 10.94 1.71 -15.69
C LEU A 114 11.56 3.08 -15.47
N HIS A 115 12.62 3.36 -16.22
CA HIS A 115 13.32 4.63 -16.12
C HIS A 115 12.41 5.82 -16.48
N ILE A 116 11.55 5.61 -17.47
CA ILE A 116 10.60 6.66 -17.87
C ILE A 116 9.56 6.87 -16.77
N LEU A 117 8.96 5.78 -16.30
CA LEU A 117 7.93 5.87 -15.28
C LEU A 117 8.46 6.44 -13.97
N THR A 118 9.77 6.34 -13.76
CA THR A 118 10.38 6.84 -12.54
C THR A 118 10.87 8.28 -12.65
N ASP A 119 11.50 8.62 -13.77
CA ASP A 119 12.25 9.87 -13.88
C ASP A 119 11.61 10.93 -14.78
N ALA A 120 10.58 10.56 -15.53
CA ALA A 120 9.94 11.52 -16.43
C ALA A 120 8.82 12.27 -15.72
N ASP A 121 8.17 13.18 -16.45
CA ASP A 121 7.06 13.96 -15.92
C ASP A 121 5.89 13.05 -15.56
N PRO A 122 5.43 13.12 -14.30
CA PRO A 122 4.31 12.32 -13.78
C PRO A 122 3.04 12.43 -14.63
N GLU A 123 2.66 13.65 -15.01
CA GLU A 123 1.46 13.87 -15.79
C GLU A 123 1.50 13.16 -17.13
N VAL A 124 2.69 13.13 -17.74
CA VAL A 124 2.88 12.43 -19.01
C VAL A 124 2.59 10.94 -18.86
N CYS A 125 3.16 10.34 -17.83
CA CYS A 125 2.98 8.93 -17.55
C CYS A 125 1.52 8.60 -17.23
N LYS A 126 0.89 9.46 -16.44
CA LYS A 126 -0.53 9.30 -16.11
C LYS A 126 -1.36 9.31 -17.39
N LYS A 127 -1.11 10.30 -18.24
CA LYS A 127 -1.85 10.46 -19.48
C LYS A 127 -1.66 9.26 -20.40
N MET A 128 -0.44 8.75 -20.46
CA MET A 128 -0.10 7.66 -21.38
C MET A 128 -0.62 6.30 -20.91
N CYS A 129 -0.59 6.06 -19.60
CA CYS A 129 -1.04 4.78 -19.07
C CYS A 129 -2.56 4.63 -19.16
N LYS A 130 -3.27 5.75 -19.13
CA LYS A 130 -4.72 5.72 -19.12
C LYS A 130 -5.33 5.83 -20.52
N ARG A 131 -4.48 5.71 -21.54
CA ARG A 131 -4.95 5.82 -22.92
C ARG A 131 -5.71 4.58 -23.38
N ASN A 132 -6.75 4.82 -24.17
CA ASN A 132 -7.59 3.77 -24.74
C ASN A 132 -8.10 2.81 -23.67
N GLU A 133 -8.68 3.37 -22.62
CA GLU A 133 -9.17 2.62 -21.47
C GLU A 133 -8.08 1.73 -20.88
N PHE A 134 -6.94 2.36 -20.56
CA PHE A 134 -5.82 1.68 -19.93
C PHE A 134 -5.31 0.50 -20.78
N GLU A 135 -5.37 0.68 -22.09
CA GLU A 135 -4.99 -0.39 -23.03
C GLU A 135 -3.56 -0.84 -22.82
N SER A 136 -2.66 0.12 -22.60
CA SER A 136 -1.24 -0.16 -22.40
C SER A 136 -1.02 -0.97 -21.13
N VAL A 137 -1.62 -0.52 -20.04
CA VAL A 137 -1.50 -1.19 -18.75
C VAL A 137 -2.03 -2.62 -18.80
N LEU A 138 -3.24 -2.77 -19.33
CA LEU A 138 -3.88 -4.08 -19.43
C LEU A 138 -3.09 -5.02 -20.36
N ALA A 139 -2.53 -4.45 -21.42
CA ALA A 139 -1.70 -5.24 -22.34
C ALA A 139 -0.43 -5.68 -21.63
N LEU A 140 0.08 -4.83 -20.74
CA LEU A 140 1.26 -5.17 -19.98
C LEU A 140 0.97 -6.29 -18.98
N VAL A 141 -0.23 -6.28 -18.42
CA VAL A 141 -0.66 -7.36 -17.53
C VAL A 141 -0.79 -8.67 -18.28
N ALA A 142 -1.53 -8.64 -19.39
CA ALA A 142 -1.73 -9.79 -20.25
C ALA A 142 -0.40 -10.34 -20.73
N TYR A 143 0.57 -9.47 -20.91
CA TYR A 143 1.92 -9.88 -21.28
C TYR A 143 2.64 -10.52 -20.11
N TYR A 144 2.45 -9.97 -18.91
CA TYR A 144 3.09 -10.51 -17.71
C TYR A 144 2.61 -11.92 -17.43
N GLN A 145 1.35 -12.20 -17.77
CA GLN A 145 0.79 -13.54 -17.58
C GLN A 145 1.55 -14.60 -18.37
N MET A 146 2.04 -14.24 -19.54
CA MET A 146 2.66 -15.20 -20.44
C MET A 146 4.18 -15.26 -20.31
N GLU A 147 4.79 -14.18 -19.83
CA GLU A 147 6.24 -14.13 -19.65
C GLU A 147 6.66 -14.94 -18.43
N HIS A 148 7.58 -15.89 -18.62
CA HIS A 148 8.04 -16.74 -17.53
C HIS A 148 9.53 -16.57 -17.25
N ARG A 149 10.18 -15.68 -17.98
CA ARG A 149 11.57 -15.36 -17.70
C ARG A 149 11.65 -14.43 -16.49
N ALA A 150 12.35 -14.89 -15.46
CA ALA A 150 12.36 -14.25 -14.15
C ALA A 150 12.81 -12.78 -14.17
N SER A 151 13.82 -12.49 -14.98
CA SER A 151 14.33 -11.12 -15.09
C SER A 151 13.25 -10.18 -15.63
N LEU A 152 12.64 -10.58 -16.73
CA LEU A 152 11.59 -9.80 -17.38
C LEU A 152 10.38 -9.63 -16.47
N ARG A 153 10.02 -10.70 -15.75
CA ARG A 153 8.91 -10.63 -14.80
C ARG A 153 9.21 -9.66 -13.67
N LEU A 154 10.45 -9.68 -13.20
CA LEU A 154 10.89 -8.79 -12.14
C LEU A 154 10.79 -7.34 -12.59
N LEU A 155 11.32 -7.06 -13.78
CA LEU A 155 11.25 -5.73 -14.36
C LEU A 155 9.81 -5.27 -14.53
N LEU A 156 8.95 -6.18 -14.96
CA LEU A 156 7.52 -5.90 -15.14
C LEU A 156 6.86 -5.54 -13.80
N LEU A 157 7.21 -6.28 -12.76
CA LEU A 157 6.70 -6.00 -11.43
C LEU A 157 7.13 -4.61 -10.96
N LYS A 158 8.40 -4.30 -11.19
CA LYS A 158 8.92 -2.98 -10.84
C LYS A 158 8.16 -1.88 -11.59
N CYS A 159 7.88 -2.11 -12.86
CA CYS A 159 7.13 -1.16 -13.68
C CYS A 159 5.71 -0.97 -13.14
N PHE A 160 5.08 -2.06 -12.72
CA PHE A 160 3.75 -2.01 -12.13
C PHE A 160 3.77 -1.17 -10.84
N GLY A 161 4.79 -1.39 -10.02
CA GLY A 161 4.99 -0.61 -8.82
C GLY A 161 5.18 0.87 -9.12
N ALA A 162 5.86 1.14 -10.23
CA ALA A 162 6.06 2.52 -10.67
C ALA A 162 4.74 3.15 -11.10
N MET A 163 3.89 2.35 -11.73
CA MET A 163 2.57 2.82 -12.17
C MET A 163 1.65 3.08 -10.97
N CYS A 164 1.78 2.28 -9.92
CA CYS A 164 0.95 2.46 -8.73
C CYS A 164 1.25 3.78 -8.01
N SER A 165 2.47 4.28 -8.20
CA SER A 165 2.89 5.52 -7.54
C SER A 165 2.40 6.76 -8.29
N LEU A 166 1.83 6.55 -9.47
CA LEU A 166 1.36 7.65 -10.30
C LEU A 166 -0.06 8.07 -9.92
N ASP A 167 -1.00 7.14 -9.99
CA ASP A 167 -2.39 7.44 -9.70
C ASP A 167 -3.11 6.23 -9.11
N ALA A 168 -4.23 6.47 -8.44
CA ALA A 168 -5.00 5.39 -7.81
C ALA A 168 -5.90 4.69 -8.82
N ALA A 169 -6.19 5.37 -9.93
CA ALA A 169 -7.02 4.78 -10.98
C ALA A 169 -6.30 3.60 -11.63
N ILE A 170 -4.98 3.72 -11.75
CA ILE A 170 -4.17 2.62 -12.29
C ILE A 170 -4.17 1.45 -11.32
N ILE A 171 -4.22 1.76 -10.03
CA ILE A 171 -4.32 0.74 -9.00
C ILE A 171 -5.66 0.01 -9.11
N SER A 172 -6.71 0.77 -9.35
CA SER A 172 -8.04 0.20 -9.54
C SER A 172 -8.07 -0.69 -10.77
N THR A 173 -7.39 -0.25 -11.82
CA THR A 173 -7.30 -1.01 -13.07
C THR A 173 -6.56 -2.32 -12.86
N LEU A 174 -5.43 -2.26 -12.18
CA LEU A 174 -4.62 -3.44 -11.91
C LEU A 174 -5.34 -4.43 -10.99
N VAL A 175 -6.06 -3.92 -10.01
CA VAL A 175 -6.78 -4.77 -9.08
C VAL A 175 -8.04 -5.33 -9.74
N SER A 176 -8.49 -4.67 -10.80
CA SER A 176 -9.60 -5.17 -11.59
C SER A 176 -9.11 -6.20 -12.61
N SER A 177 -7.84 -6.09 -12.99
CA SER A 177 -7.26 -6.98 -13.98
C SER A 177 -6.95 -8.36 -13.38
N VAL A 178 -6.22 -9.17 -14.15
CA VAL A 178 -5.91 -10.54 -13.74
C VAL A 178 -4.55 -10.60 -13.06
N LEU A 179 -3.95 -9.44 -12.86
CA LEU A 179 -2.61 -9.36 -12.26
C LEU A 179 -2.50 -9.95 -10.84
N PRO A 180 -3.44 -9.62 -9.92
CA PRO A 180 -3.30 -10.20 -8.58
C PRO A 180 -3.40 -11.72 -8.58
N VAL A 181 -4.28 -12.25 -9.42
CA VAL A 181 -4.47 -13.69 -9.58
C VAL A 181 -3.16 -14.36 -9.99
N GLU A 182 -2.56 -13.86 -11.06
CA GLU A 182 -1.32 -14.41 -11.58
C GLU A 182 -0.19 -14.25 -10.59
N LEU A 183 -0.23 -13.17 -9.81
CA LEU A 183 0.79 -12.94 -8.79
C LEU A 183 0.69 -13.98 -7.67
N ALA A 184 -0.52 -14.24 -7.21
CA ALA A 184 -0.73 -15.23 -6.16
C ALA A 184 -0.33 -16.62 -6.65
N ARG A 185 -0.80 -16.98 -7.84
CA ARG A 185 -0.48 -18.27 -8.43
C ARG A 185 1.03 -18.44 -8.63
N ASP A 186 1.68 -17.37 -9.05
CA ASP A 186 3.14 -17.39 -9.24
C ASP A 186 3.86 -17.52 -7.92
N MET A 187 3.32 -16.90 -6.88
CA MET A 187 3.89 -16.98 -5.54
C MET A 187 3.83 -18.40 -5.02
N GLN A 188 2.69 -19.06 -5.21
CA GLN A 188 2.53 -20.43 -4.73
C GLN A 188 3.24 -21.43 -5.65
N THR A 189 3.53 -21.01 -6.87
CA THR A 189 4.21 -21.86 -7.84
C THR A 189 5.72 -21.76 -7.71
N ASP A 190 6.24 -20.55 -7.87
CA ASP A 190 7.67 -20.32 -7.78
C ASP A 190 8.04 -19.77 -6.40
N THR A 191 8.17 -20.68 -5.44
CA THR A 191 8.47 -20.29 -4.06
C THR A 191 9.98 -20.21 -3.84
N GLN A 192 10.74 -20.86 -4.71
CA GLN A 192 12.19 -20.90 -4.59
C GLN A 192 12.86 -19.69 -5.25
N ASP A 193 12.08 -18.62 -5.45
CA ASP A 193 12.60 -17.37 -5.98
C ASP A 193 12.33 -16.24 -4.99
N HIS A 194 13.21 -16.09 -4.01
CA HIS A 194 13.01 -15.17 -2.91
C HIS A 194 12.79 -13.73 -3.35
N GLN A 195 13.56 -13.28 -4.34
CA GLN A 195 13.50 -11.89 -4.80
C GLN A 195 12.15 -11.58 -5.46
N LYS A 196 11.80 -12.37 -6.47
CA LYS A 196 10.54 -12.18 -7.19
C LYS A 196 9.34 -12.43 -6.28
N LEU A 197 9.56 -13.23 -5.24
CA LEU A 197 8.52 -13.49 -4.25
C LEU A 197 8.30 -12.25 -3.38
N CYS A 198 9.40 -11.62 -2.97
CA CYS A 198 9.33 -10.40 -2.19
C CYS A 198 8.65 -9.29 -2.99
N TYR A 199 9.07 -9.13 -4.25
CA TYR A 199 8.50 -8.09 -5.09
C TYR A 199 7.04 -8.36 -5.45
N SER A 200 6.68 -9.63 -5.63
CA SER A 200 5.29 -10.00 -5.89
C SER A 200 4.44 -9.68 -4.67
N ALA A 201 4.95 -10.03 -3.49
CA ALA A 201 4.26 -9.73 -2.23
C ALA A 201 4.08 -8.23 -2.06
N LEU A 202 5.08 -7.46 -2.48
CA LEU A 202 5.04 -6.00 -2.37
C LEU A 202 3.99 -5.41 -3.31
N ILE A 203 4.04 -5.81 -4.58
CA ILE A 203 3.09 -5.32 -5.57
C ILE A 203 1.66 -5.67 -5.18
N LEU A 204 1.48 -6.89 -4.67
CA LEU A 204 0.18 -7.33 -4.17
C LEU A 204 -0.25 -6.46 -2.99
N ALA A 205 0.70 -6.12 -2.12
CA ALA A 205 0.43 -5.26 -0.98
C ALA A 205 0.08 -3.84 -1.42
N MET A 206 0.51 -3.49 -2.63
CA MET A 206 0.24 -2.16 -3.18
C MET A 206 -1.13 -2.08 -3.83
N VAL A 207 -1.45 -3.05 -4.67
CA VAL A 207 -2.72 -3.06 -5.40
C VAL A 207 -3.90 -3.25 -4.46
N PHE A 208 -3.66 -3.85 -3.31
CA PHE A 208 -4.71 -4.07 -2.32
C PHE A 208 -4.61 -3.06 -1.18
N SER A 209 -3.91 -1.95 -1.44
CA SER A 209 -3.78 -0.89 -0.44
C SER A 209 -4.82 0.21 -0.69
N MET A 210 -5.56 0.07 -1.78
CA MET A 210 -6.61 1.02 -2.12
C MET A 210 -7.89 0.67 -1.39
N GLY A 211 -8.28 -0.60 -1.43
CA GLY A 211 -9.49 -1.07 -0.80
C GLY A 211 -10.73 -0.54 -1.50
N GLU A 212 -10.69 -0.52 -2.82
CA GLU A 212 -11.77 0.07 -3.60
C GLU A 212 -12.71 -0.99 -4.20
N ALA A 213 -12.13 -2.07 -4.73
CA ALA A 213 -12.94 -3.09 -5.40
C ALA A 213 -12.55 -4.50 -4.98
N VAL A 214 -13.54 -5.40 -4.99
CA VAL A 214 -13.32 -6.80 -4.65
C VAL A 214 -13.90 -7.72 -5.72
N PRO A 215 -13.01 -8.30 -6.53
CA PRO A 215 -13.44 -9.24 -7.55
C PRO A 215 -13.34 -10.67 -7.03
N TYR A 216 -14.49 -11.32 -6.86
CA TYR A 216 -14.53 -12.67 -6.30
C TYR A 216 -14.00 -13.72 -7.27
N ALA A 217 -13.74 -13.31 -8.50
CA ALA A 217 -13.07 -14.18 -9.46
C ALA A 217 -11.63 -14.41 -9.02
N HIS A 218 -11.09 -13.42 -8.30
CA HIS A 218 -9.75 -13.50 -7.75
C HIS A 218 -9.77 -14.26 -6.42
N TYR A 219 -10.94 -14.28 -5.77
CA TYR A 219 -11.10 -15.00 -4.52
C TYR A 219 -11.02 -16.51 -4.75
N GLU A 220 -11.28 -16.92 -5.99
CA GLU A 220 -11.14 -18.31 -6.37
C GLU A 220 -9.67 -18.66 -6.56
N HIS A 221 -8.84 -17.64 -6.69
CA HIS A 221 -7.40 -17.82 -6.82
C HIS A 221 -6.69 -17.34 -5.57
N LEU A 222 -7.30 -16.38 -4.88
CA LEU A 222 -6.77 -15.87 -3.62
C LEU A 222 -7.81 -16.00 -2.52
N GLY A 223 -7.95 -17.21 -1.98
CA GLY A 223 -8.91 -17.47 -0.94
C GLY A 223 -8.26 -17.85 0.37
N THR A 224 -8.90 -18.74 1.13
CA THR A 224 -8.39 -19.16 2.42
C THR A 224 -7.13 -20.01 2.27
N PRO A 225 -6.95 -20.60 1.09
CA PRO A 225 -5.77 -21.40 0.81
C PRO A 225 -4.54 -20.50 0.68
N PHE A 226 -4.69 -19.41 -0.06
CA PHE A 226 -3.62 -18.44 -0.23
C PHE A 226 -3.30 -17.77 1.10
N ALA A 227 -4.33 -17.48 1.88
CA ALA A 227 -4.16 -16.88 3.20
C ALA A 227 -3.41 -17.84 4.12
N GLN A 228 -3.73 -19.12 4.02
CA GLN A 228 -3.06 -20.15 4.80
C GLN A 228 -1.61 -20.27 4.37
N PHE A 229 -1.36 -20.04 3.08
CA PHE A 229 0.00 -20.06 2.54
C PHE A 229 0.83 -18.92 3.13
N LEU A 230 0.29 -17.71 3.05
CA LEU A 230 0.96 -16.52 3.59
C LEU A 230 1.20 -16.67 5.09
N LEU A 231 0.19 -17.14 5.81
CA LEU A 231 0.30 -17.35 7.24
C LEU A 231 1.33 -18.43 7.55
N ASN A 232 1.47 -19.39 6.65
CA ASN A 232 2.47 -20.45 6.81
C ASN A 232 3.87 -19.87 6.62
N ILE A 233 3.99 -18.89 5.72
CA ILE A 233 5.26 -18.21 5.52
C ILE A 233 5.61 -17.38 6.75
N VAL A 234 4.61 -16.70 7.29
CA VAL A 234 4.80 -15.86 8.48
C VAL A 234 5.21 -16.68 9.69
N GLU A 235 4.51 -17.79 9.93
CA GLU A 235 4.74 -18.62 11.09
C GLU A 235 6.02 -19.46 10.97
N ASP A 236 6.13 -20.22 9.89
CA ASP A 236 7.26 -21.13 9.71
C ASP A 236 8.45 -20.45 9.04
N GLY A 237 8.22 -19.91 7.85
CA GLY A 237 9.28 -19.24 7.12
C GLY A 237 9.82 -20.07 5.96
N LEU A 238 10.68 -19.45 5.16
CA LEU A 238 11.30 -20.13 4.01
C LEU A 238 12.73 -20.51 4.30
N PRO A 239 13.21 -21.60 3.67
CA PRO A 239 14.60 -22.04 3.81
C PRO A 239 15.60 -20.99 3.36
N THR A 243 17.51 -14.00 5.00
CA THR A 243 17.28 -12.56 5.02
C THR A 243 16.07 -12.22 5.89
N GLU A 244 15.08 -13.11 5.87
CA GLU A 244 13.86 -12.97 6.67
C GLU A 244 13.14 -11.65 6.40
N GLN A 245 13.09 -11.26 5.13
CA GLN A 245 12.38 -10.06 4.73
C GLN A 245 11.14 -10.42 3.91
N LEU A 246 10.70 -11.67 4.02
CA LEU A 246 9.51 -12.13 3.30
C LEU A 246 8.38 -12.43 4.29
N PRO A 247 8.74 -12.62 5.55
CA PRO A 247 7.75 -12.92 6.58
C PRO A 247 6.90 -11.70 6.91
N ASP A 248 7.56 -10.60 7.22
CA ASP A 248 6.88 -9.35 7.56
C ASP A 248 6.16 -8.78 6.35
N LEU A 249 6.70 -9.03 5.16
CA LEU A 249 6.05 -8.61 3.93
C LEU A 249 4.80 -9.43 3.66
N CYS A 250 4.84 -10.70 4.09
CA CYS A 250 3.67 -11.55 4.02
C CYS A 250 2.62 -11.08 5.02
N VAL A 251 3.08 -10.59 6.17
CA VAL A 251 2.20 -10.00 7.17
C VAL A 251 1.48 -8.79 6.59
N ASN A 252 2.26 -7.88 6.03
CA ASN A 252 1.71 -6.67 5.41
C ASN A 252 0.79 -7.00 4.24
N LEU A 253 1.08 -8.11 3.56
CA LEU A 253 0.22 -8.58 2.49
C LEU A 253 -1.12 -9.05 3.04
N LEU A 254 -1.07 -9.77 4.17
CA LEU A 254 -2.28 -10.21 4.84
C LEU A 254 -3.10 -9.01 5.31
N LEU A 255 -2.40 -7.95 5.72
CA LEU A 255 -3.04 -6.72 6.13
C LEU A 255 -3.73 -6.04 4.95
N ALA A 256 -3.04 -6.03 3.81
CA ALA A 256 -3.57 -5.41 2.60
C ALA A 256 -4.78 -6.15 2.07
N LEU A 257 -4.75 -7.47 2.16
CA LEU A 257 -5.85 -8.31 1.68
C LEU A 257 -7.08 -8.17 2.55
N ASN A 258 -6.87 -8.16 3.86
CA ASN A 258 -7.95 -8.06 4.83
C ASN A 258 -8.47 -6.64 5.00
N LEU A 259 -7.96 -5.72 4.19
CA LEU A 259 -8.37 -4.33 4.27
C LEU A 259 -9.82 -4.17 3.80
N HIS A 260 -10.21 -4.96 2.81
CA HIS A 260 -11.53 -4.82 2.20
C HIS A 260 -12.29 -6.14 2.11
N LEU A 261 -12.02 -7.04 3.04
CA LEU A 261 -12.72 -8.32 3.08
C LEU A 261 -13.98 -8.22 3.94
N PRO A 262 -14.68 -9.34 4.08
CA PRO A 262 -15.92 -9.39 4.85
C PRO A 262 -15.66 -9.16 6.34
N ALA A 263 -16.73 -9.20 7.13
CA ALA A 263 -16.66 -8.82 8.53
C ALA A 263 -16.21 -9.95 9.44
N ALA A 264 -17.03 -11.00 9.56
CA ALA A 264 -16.80 -12.02 10.58
C ALA A 264 -16.79 -13.45 10.05
N ASP A 265 -17.84 -13.83 9.32
CA ASP A 265 -18.03 -15.23 8.94
C ASP A 265 -17.74 -15.49 7.46
N GLN A 266 -17.62 -14.43 6.67
CA GLN A 266 -17.38 -14.58 5.23
C GLN A 266 -15.98 -14.10 4.86
N ASN A 267 -15.13 -13.94 5.85
CA ASN A 267 -13.75 -13.51 5.64
C ASN A 267 -12.84 -14.71 5.41
N VAL A 268 -12.18 -14.74 4.27
CA VAL A 268 -11.32 -15.86 3.88
C VAL A 268 -10.11 -16.00 4.80
N ILE A 269 -9.49 -14.87 5.14
CA ILE A 269 -8.35 -14.88 6.04
C ILE A 269 -8.76 -15.32 7.43
N MET A 270 -9.89 -14.82 7.91
CA MET A 270 -10.41 -15.19 9.21
C MET A 270 -10.86 -16.65 9.22
N ALA A 271 -11.24 -17.15 8.05
CA ALA A 271 -11.56 -18.57 7.90
C ALA A 271 -10.29 -19.40 8.02
N ALA A 272 -9.21 -18.91 7.41
CA ALA A 272 -7.91 -19.57 7.49
C ALA A 272 -7.42 -19.58 8.93
N LEU A 273 -7.70 -18.52 9.67
CA LEU A 273 -7.34 -18.43 11.08
C LEU A 273 -8.25 -19.31 11.92
N SER A 274 -9.46 -19.55 11.42
CA SER A 274 -10.43 -20.39 12.10
C SER A 274 -10.03 -21.86 11.99
N LYS A 275 -9.50 -22.23 10.83
CA LYS A 275 -9.05 -23.60 10.60
C LYS A 275 -7.79 -23.92 11.41
N HIS A 276 -6.87 -22.97 11.49
CA HIS A 276 -5.62 -23.17 12.19
C HIS A 276 -5.28 -21.96 13.06
N ALA A 277 -5.56 -22.08 14.36
CA ALA A 277 -5.36 -20.97 15.28
C ALA A 277 -4.04 -21.08 16.04
N ASN A 278 -3.21 -22.04 15.66
CA ASN A 278 -1.90 -22.20 16.27
C ASN A 278 -0.88 -21.30 15.59
N VAL A 279 -1.09 -20.00 15.70
CA VAL A 279 -0.21 -19.02 15.07
C VAL A 279 0.26 -17.98 16.07
N LYS A 280 1.32 -18.29 16.81
CA LYS A 280 1.83 -17.41 17.85
C LYS A 280 2.72 -16.31 17.27
N ILE A 281 3.55 -16.66 16.30
CA ILE A 281 4.47 -15.71 15.69
C ILE A 281 3.72 -14.57 15.02
N PHE A 282 2.64 -14.91 14.34
CA PHE A 282 1.81 -13.93 13.65
C PHE A 282 1.10 -13.01 14.64
N SER A 283 0.59 -13.60 15.72
CA SER A 283 -0.08 -12.84 16.76
C SER A 283 0.89 -11.87 17.42
N GLU A 284 2.11 -12.32 17.66
CA GLU A 284 3.15 -11.48 18.24
C GLU A 284 3.54 -10.35 17.29
N LYS A 285 3.63 -10.67 16.00
CA LYS A 285 3.92 -9.67 14.99
C LYS A 285 2.82 -8.60 14.97
N LEU A 286 1.58 -9.04 15.16
CA LEU A 286 0.46 -8.12 15.22
C LEU A 286 0.50 -7.26 16.48
N LEU A 287 0.98 -7.85 17.57
CA LEU A 287 1.11 -7.12 18.83
C LEU A 287 2.17 -6.03 18.69
N LEU A 288 3.26 -6.37 18.02
CA LEU A 288 4.33 -5.41 17.76
C LEU A 288 3.85 -4.30 16.84
N LEU A 289 3.14 -4.69 15.78
CA LEU A 289 2.62 -3.73 14.81
C LEU A 289 1.59 -2.79 15.45
N LEU A 290 0.86 -3.31 16.43
CA LEU A 290 -0.13 -2.51 17.15
C LEU A 290 0.58 -1.59 18.14
N ASN A 291 1.70 -2.06 18.69
CA ASN A 291 2.49 -1.27 19.61
C ASN A 291 3.15 -0.09 18.91
N ARG A 292 3.59 -0.31 17.67
CA ARG A 292 4.19 0.75 16.86
C ARG A 292 3.16 1.81 16.52
N GLY A 293 1.92 1.38 16.27
CA GLY A 293 0.84 2.29 15.98
C GLY A 293 0.75 2.68 14.52
N ASP A 294 1.88 2.63 13.82
CA ASP A 294 1.93 3.03 12.42
C ASP A 294 1.31 1.98 11.50
N ASP A 295 0.78 2.45 10.38
CA ASP A 295 0.17 1.57 9.38
C ASP A 295 1.23 1.12 8.36
N PRO A 296 1.33 -0.18 8.16
CA PRO A 296 2.31 -0.73 7.23
C PRO A 296 1.73 -0.86 5.82
N VAL A 297 0.42 -0.68 5.71
CA VAL A 297 -0.26 -0.82 4.42
C VAL A 297 -0.47 0.52 3.75
N ARG A 298 -0.42 1.60 4.53
CA ARG A 298 -0.57 2.94 3.99
C ARG A 298 0.73 3.39 3.33
N ILE A 299 0.79 3.25 2.00
CA ILE A 299 2.01 3.56 1.27
C ILE A 299 1.86 4.81 0.41
N PHE A 300 0.77 4.88 -0.34
CA PHE A 300 0.54 6.01 -1.25
C PHE A 300 -0.45 7.02 -0.65
N LYS A 301 -0.51 8.20 -1.26
CA LYS A 301 -1.41 9.25 -0.81
C LYS A 301 -2.45 9.58 -1.87
N HIS A 302 -3.56 8.85 -1.85
CA HIS A 302 -4.64 9.05 -2.80
C HIS A 302 -5.88 9.61 -2.12
N GLU A 303 -6.90 9.93 -2.91
CA GLU A 303 -8.14 10.49 -2.39
C GLU A 303 -8.94 9.45 -1.60
N PRO A 304 -9.72 9.93 -0.64
CA PRO A 304 -10.55 9.07 0.22
C PRO A 304 -9.72 7.96 0.84
N GLN A 305 -8.80 8.35 1.72
CA GLN A 305 -7.86 7.42 2.34
C GLN A 305 -8.57 6.26 3.04
N PRO A 306 -8.00 5.07 2.91
CA PRO A 306 -8.60 3.87 3.49
C PRO A 306 -8.36 3.81 5.00
N PRO A 307 -8.91 2.77 5.63
CA PRO A 307 -8.80 2.62 7.08
C PRO A 307 -7.43 2.08 7.49
N HIS A 308 -7.18 2.08 8.79
CA HIS A 308 -5.93 1.56 9.34
C HIS A 308 -5.92 0.04 9.27
N SER A 309 -4.83 -0.53 8.75
CA SER A 309 -4.76 -1.96 8.49
C SER A 309 -4.73 -2.81 9.75
N VAL A 310 -3.82 -2.50 10.67
CA VAL A 310 -3.65 -3.29 11.89
C VAL A 310 -4.91 -3.26 12.76
N LEU A 311 -5.48 -2.07 12.91
CA LEU A 311 -6.68 -1.88 13.71
C LEU A 311 -7.86 -2.66 13.16
N LYS A 312 -8.11 -2.52 11.87
CA LYS A 312 -9.22 -3.22 11.22
C LYS A 312 -9.01 -4.73 11.26
N PHE A 313 -7.76 -5.15 11.10
CA PHE A 313 -7.42 -6.57 11.15
C PHE A 313 -7.70 -7.15 12.53
N LEU A 314 -7.29 -6.45 13.57
CA LEU A 314 -7.53 -6.89 14.94
C LEU A 314 -9.01 -6.85 15.28
N GLN A 315 -9.72 -5.90 14.68
CA GLN A 315 -11.18 -5.80 14.84
C GLN A 315 -11.85 -7.03 14.25
N ASP A 316 -11.41 -7.44 13.08
CA ASP A 316 -11.93 -8.64 12.43
C ASP A 316 -11.56 -9.88 13.25
N VAL A 317 -10.37 -9.86 13.83
CA VAL A 317 -9.90 -10.95 14.69
C VAL A 317 -10.82 -11.11 15.89
N PHE A 318 -11.20 -9.99 16.50
CA PHE A 318 -12.08 -10.02 17.66
C PHE A 318 -13.53 -9.75 17.29
N GLY A 319 -13.87 -10.00 16.03
CA GLY A 319 -15.25 -9.95 15.58
C GLY A 319 -15.88 -11.32 15.77
N SER A 320 -15.05 -12.29 16.13
CA SER A 320 -15.48 -13.66 16.39
C SER A 320 -14.48 -14.36 17.30
N PRO A 321 -14.98 -15.07 18.32
CA PRO A 321 -14.14 -15.77 19.32
C PRO A 321 -13.14 -16.74 18.69
N ALA A 322 -13.58 -17.47 17.67
CA ALA A 322 -12.74 -18.46 17.00
C ALA A 322 -11.47 -17.83 16.44
N THR A 323 -11.61 -16.64 15.86
CA THR A 323 -10.47 -15.91 15.33
C THR A 323 -9.75 -15.16 16.44
N ALA A 324 -10.47 -14.88 17.52
CA ALA A 324 -9.91 -14.17 18.66
C ALA A 324 -9.04 -15.12 19.49
N ALA A 325 -9.10 -16.41 19.20
CA ALA A 325 -8.33 -17.40 19.93
C ALA A 325 -6.84 -17.36 19.59
N ILE A 326 -6.49 -16.67 18.50
CA ILE A 326 -5.10 -16.64 18.05
C ILE A 326 -4.18 -15.92 19.05
N PHE A 327 -4.77 -15.10 19.91
CA PHE A 327 -4.00 -14.44 20.97
C PHE A 327 -3.98 -15.30 22.22
N TYR A 328 -2.77 -15.67 22.66
CA TYR A 328 -2.61 -16.53 23.82
C TYR A 328 -2.90 -15.76 25.10
N HIS A 329 -2.88 -16.47 26.23
CA HIS A 329 -3.21 -15.90 27.53
C HIS A 329 -2.33 -14.70 27.86
N THR A 330 -1.06 -14.77 27.46
CA THR A 330 -0.12 -13.69 27.72
C THR A 330 -0.32 -12.54 26.72
N ASP A 331 -0.37 -12.90 25.45
CA ASP A 331 -0.54 -11.92 24.38
C ASP A 331 -1.86 -11.18 24.50
N MET A 332 -2.84 -11.80 25.13
CA MET A 332 -4.12 -11.16 25.38
C MET A 332 -3.99 -10.00 26.35
N MET A 333 -3.39 -10.27 27.51
CA MET A 333 -3.17 -9.24 28.51
C MET A 333 -2.28 -8.14 27.95
N ALA A 334 -1.26 -8.55 27.20
CA ALA A 334 -0.36 -7.60 26.55
C ALA A 334 -1.13 -6.66 25.63
N LEU A 335 -1.89 -7.24 24.70
CA LEU A 335 -2.69 -6.47 23.75
C LEU A 335 -3.67 -5.53 24.45
N ILE A 336 -4.28 -6.02 25.53
CA ILE A 336 -5.17 -5.20 26.33
C ILE A 336 -4.44 -3.99 26.88
N ASP A 337 -3.26 -4.23 27.44
CA ASP A 337 -2.42 -3.17 27.99
C ASP A 337 -2.09 -2.11 26.94
N ILE A 338 -1.63 -2.57 25.77
CA ILE A 338 -1.25 -1.66 24.70
C ILE A 338 -2.45 -0.85 24.21
N THR A 339 -3.59 -1.51 24.04
CA THR A 339 -4.80 -0.85 23.57
C THR A 339 -5.25 0.24 24.54
N VAL A 340 -5.39 -0.13 25.81
CA VAL A 340 -5.76 0.81 26.86
C VAL A 340 -4.77 1.97 26.91
N ARG A 341 -3.49 1.66 26.72
CA ARG A 341 -2.45 2.68 26.70
C ARG A 341 -2.69 3.69 25.58
N HIS A 342 -2.96 3.18 24.38
CA HIS A 342 -3.21 4.04 23.22
C HIS A 342 -4.47 4.89 23.42
N ILE A 343 -5.49 4.30 24.03
CA ILE A 343 -6.73 5.01 24.31
C ILE A 343 -6.47 6.17 25.29
N ALA A 344 -5.68 5.90 26.32
CA ALA A 344 -5.41 6.89 27.35
C ALA A 344 -4.35 7.90 26.93
N ASP A 345 -3.64 7.60 25.84
CA ASP A 345 -2.57 8.48 25.38
C ASP A 345 -3.00 9.37 24.21
N LEU A 346 -3.94 8.87 23.41
CA LEU A 346 -4.44 9.62 22.27
C LEU A 346 -5.27 10.81 22.73
N SER A 347 -4.87 12.01 22.32
CA SER A 347 -5.61 13.21 22.66
C SER A 347 -6.95 13.26 21.96
N PRO A 348 -7.89 14.02 22.52
CA PRO A 348 -9.21 14.18 21.93
C PRO A 348 -9.12 14.89 20.59
N GLY A 349 -9.76 14.31 19.58
CA GLY A 349 -9.73 14.87 18.24
C GLY A 349 -9.00 13.96 17.27
N ASP A 350 -8.23 13.03 17.80
CA ASP A 350 -7.50 12.07 16.97
C ASP A 350 -8.46 11.06 16.33
N LYS A 351 -8.19 10.69 15.09
CA LYS A 351 -9.05 9.77 14.35
C LYS A 351 -8.67 8.32 14.61
N LEU A 352 -7.82 8.10 15.60
CA LEU A 352 -7.36 6.75 15.93
C LEU A 352 -7.98 6.24 17.22
N ARG A 353 -8.26 7.16 18.15
CA ARG A 353 -8.80 6.80 19.46
C ARG A 353 -10.11 6.03 19.34
N MET A 354 -10.94 6.45 18.40
CA MET A 354 -12.22 5.79 18.14
C MET A 354 -12.04 4.32 17.77
N GLU A 355 -11.04 4.06 16.92
CA GLU A 355 -10.76 2.71 16.45
C GLU A 355 -10.22 1.82 17.57
N TYR A 356 -9.40 2.39 18.44
CA TYR A 356 -8.86 1.65 19.59
C TYR A 356 -9.97 1.34 20.58
N LEU A 357 -10.85 2.30 20.81
CA LEU A 357 -12.00 2.10 21.68
C LEU A 357 -12.90 1.00 21.10
N SER A 358 -13.01 0.99 19.78
CA SER A 358 -13.79 -0.04 19.08
C SER A 358 -13.15 -1.42 19.27
N LEU A 359 -11.81 -1.45 19.20
CA LEU A 359 -11.07 -2.69 19.38
C LEU A 359 -11.24 -3.23 20.79
N MET A 360 -11.28 -2.32 21.77
CA MET A 360 -11.51 -2.72 23.16
C MET A 360 -12.93 -3.26 23.31
N HIS A 361 -13.89 -2.56 22.70
CA HIS A 361 -15.29 -2.95 22.74
C HIS A 361 -15.52 -4.31 22.08
N ALA A 362 -14.65 -4.66 21.13
CA ALA A 362 -14.73 -5.95 20.47
C ALA A 362 -14.02 -7.03 21.28
N ILE A 363 -12.94 -6.63 21.95
CA ILE A 363 -12.15 -7.54 22.76
C ILE A 363 -12.91 -8.01 23.98
N VAL A 364 -13.70 -7.11 24.57
CA VAL A 364 -14.51 -7.46 25.73
C VAL A 364 -15.71 -8.31 25.32
N ARG A 365 -16.00 -8.35 24.03
CA ARG A 365 -17.16 -9.08 23.52
C ARG A 365 -16.76 -10.40 22.86
N THR A 366 -15.46 -10.58 22.61
CA THR A 366 -14.96 -11.78 21.96
C THR A 366 -14.08 -12.61 22.89
N THR A 367 -13.54 -11.96 23.91
CA THR A 367 -12.64 -12.62 24.86
C THR A 367 -13.21 -12.61 26.27
N PRO A 368 -12.78 -13.55 27.12
CA PRO A 368 -13.20 -13.53 28.53
C PRO A 368 -12.49 -12.42 29.31
N TYR A 369 -12.92 -11.19 29.10
CA TYR A 369 -12.31 -10.04 29.77
C TYR A 369 -12.72 -9.97 31.24
N LEU A 370 -13.94 -10.41 31.54
CA LEU A 370 -14.46 -10.36 32.89
C LEU A 370 -13.79 -11.40 33.78
N GLN A 371 -13.36 -12.51 33.16
CA GLN A 371 -12.71 -13.59 33.90
C GLN A 371 -11.38 -13.17 34.49
N HIS A 372 -10.55 -12.51 33.68
CA HIS A 372 -9.22 -12.09 34.11
C HIS A 372 -9.25 -10.71 34.76
N ARG A 373 -10.05 -9.81 34.17
CA ARG A 373 -10.18 -8.43 34.65
C ARG A 373 -8.82 -7.72 34.71
N HIS A 374 -7.95 -8.06 33.76
CA HIS A 374 -6.62 -7.44 33.70
C HIS A 374 -6.71 -6.07 33.03
N ARG A 375 -5.96 -5.11 33.57
CA ARG A 375 -5.97 -3.73 33.08
C ARG A 375 -7.38 -3.15 33.05
N LEU A 376 -8.16 -3.49 34.07
CA LEU A 376 -9.55 -3.04 34.17
C LEU A 376 -9.76 -1.85 35.13
N PRO A 377 -9.09 -1.83 36.30
CA PRO A 377 -9.25 -0.64 37.15
C PRO A 377 -8.86 0.67 36.46
N ASP A 378 -7.84 0.62 35.61
CA ASP A 378 -7.43 1.79 34.86
C ASP A 378 -8.39 2.06 33.70
N LEU A 379 -8.96 0.97 33.17
CA LEU A 379 -9.90 1.08 32.06
C LEU A 379 -11.16 1.83 32.46
N GLN A 380 -11.62 1.58 33.69
CA GLN A 380 -12.80 2.27 34.21
C GLN A 380 -12.55 3.77 34.31
N ALA A 381 -11.35 4.14 34.78
CA ALA A 381 -10.96 5.54 34.89
C ALA A 381 -10.84 6.16 33.50
N ILE A 382 -10.39 5.37 32.53
CA ILE A 382 -10.27 5.83 31.16
C ILE A 382 -11.64 6.12 30.56
N LEU A 383 -12.59 5.22 30.79
CA LEU A 383 -13.95 5.39 30.31
C LEU A 383 -14.62 6.60 30.97
N ARG A 384 -14.42 6.72 32.28
CA ARG A 384 -15.00 7.82 33.05
C ARG A 384 -14.42 9.17 32.60
N ARG A 385 -13.13 9.18 32.29
CA ARG A 385 -12.47 10.40 31.84
C ARG A 385 -12.88 10.75 30.41
N ILE A 386 -13.12 9.73 29.59
CA ILE A 386 -13.52 9.92 28.21
C ILE A 386 -14.95 10.43 28.11
N LEU A 387 -15.81 9.94 29.00
CA LEU A 387 -17.21 10.34 29.01
C LEU A 387 -17.40 11.74 29.58
N ASN A 388 -16.45 12.16 30.42
CA ASN A 388 -16.51 13.48 31.05
C ASN A 388 -15.74 14.51 30.22
N GLU A 389 -15.44 14.16 28.98
CA GLU A 389 -14.74 15.08 28.09
C GLU A 389 -15.69 16.14 27.55
N GLU A 390 -15.34 17.41 27.77
CA GLU A 390 -16.17 18.52 27.32
C GLU A 390 -15.81 18.97 25.91
N GLU A 391 -15.22 18.06 25.14
CA GLU A 391 -14.83 18.36 23.76
C GLU A 391 -16.06 18.50 22.88
N THR A 392 -16.12 19.60 22.12
CA THR A 392 -17.25 19.87 21.24
C THR A 392 -17.00 19.35 19.84
N SER A 393 -15.94 18.57 19.66
CA SER A 393 -15.60 18.00 18.36
C SER A 393 -16.50 16.83 18.02
N PRO A 394 -16.61 16.53 16.72
CA PRO A 394 -17.44 15.43 16.26
C PRO A 394 -16.77 14.08 16.48
N GLN A 395 -15.44 14.07 16.40
CA GLN A 395 -14.66 12.85 16.60
C GLN A 395 -14.77 12.38 18.05
N CYS A 396 -14.61 13.31 18.98
CA CYS A 396 -14.74 13.02 20.40
C CYS A 396 -16.18 12.61 20.72
N GLN A 397 -17.11 13.07 19.89
CA GLN A 397 -18.51 12.71 20.03
C GLN A 397 -18.74 11.26 19.61
N MET A 398 -18.12 10.87 18.50
CA MET A 398 -18.18 9.49 18.03
C MET A 398 -17.55 8.55 19.05
N ASP A 399 -16.40 8.97 19.59
CA ASP A 399 -15.73 8.22 20.63
C ASP A 399 -16.62 8.14 21.88
N ARG A 400 -17.40 9.20 22.10
CA ARG A 400 -18.29 9.25 23.25
C ARG A 400 -19.44 8.26 23.13
N MET A 401 -20.10 8.21 21.98
CA MET A 401 -21.19 7.26 21.78
C MET A 401 -20.66 5.83 21.78
N ILE A 402 -19.48 5.63 21.20
CA ILE A 402 -18.84 4.31 21.22
C ILE A 402 -18.57 3.84 22.66
N VAL A 403 -17.98 4.74 23.46
CA VAL A 403 -17.65 4.43 24.84
C VAL A 403 -18.90 4.21 25.70
N ARG A 404 -19.94 4.99 25.43
CA ARG A 404 -21.20 4.85 26.14
C ARG A 404 -21.86 3.53 25.79
N GLU A 405 -21.63 3.06 24.57
CA GLU A 405 -22.14 1.76 24.15
C GLU A 405 -21.33 0.63 24.82
N MET A 406 -20.03 0.89 25.01
CA MET A 406 -19.16 -0.11 25.64
C MET A 406 -19.44 -0.25 27.13
N CYS A 407 -20.15 0.71 27.70
CA CYS A 407 -20.45 0.68 29.14
C CYS A 407 -21.56 -0.33 29.47
N LYS A 408 -21.22 -1.60 29.43
CA LYS A 408 -22.19 -2.65 29.73
C LYS A 408 -21.83 -3.39 31.02
N GLU A 409 -22.04 -2.72 32.15
CA GLU A 409 -21.79 -3.28 33.48
C GLU A 409 -20.37 -3.82 33.64
#